data_3EWB
#
_entry.id   3EWB
#
_cell.length_a   72.063
_cell.length_b   72.063
_cell.length_c   106.622
_cell.angle_alpha   90.000
_cell.angle_beta   90.000
_cell.angle_gamma   120.000
#
_symmetry.space_group_name_H-M   'P 31 2 1'
#
loop_
_entity.id
_entity.type
_entity.pdbx_description
1 polymer '2-isopropylmalate synthase'
2 water water
#
_entity_poly.entity_id   1
_entity_poly.type   'polypeptide(L)'
_entity_poly.pdbx_seq_one_letter_code
;(MSE)SLKKIQFFDTTLRDGEQTPGVNFDVKEKIQIALQLEKLGIDVIEAGFPISSPGDFECVKAIAKAIKHCSVTGLAR
CVEGDIDRAEEALKDAVSPQIHIFLATSDVH(MSE)EYKLK(MSE)SRAEVLASIKHHISYARQKFDVVQFSPEDATRSD
RAFLIEAVQTAIDAGATVINIPDTVGYTNPTEFGQLFQDLRREIKQFDDIIFASHCHDDLG(MSE)ATANALAAIENGAR
RVEGTINGIGERAGNTALEEVAVALHIRKDFYQAETNIVLNQFKNSSDLISRLSG(MSE)PVPRNEGHHHHHH
;
_entity_poly.pdbx_strand_id   X
#
# COMPACT_ATOMS: atom_id res chain seq x y z
N SER A 2 -7.02 16.06 -15.31
CA SER A 2 -5.90 16.42 -16.21
C SER A 2 -4.94 15.26 -16.36
N LEU A 3 -3.67 15.57 -16.20
CA LEU A 3 -2.65 14.73 -16.76
C LEU A 3 -2.01 13.81 -15.74
N LYS A 4 -1.96 14.19 -14.47
CA LYS A 4 -1.33 13.27 -13.54
C LYS A 4 -2.22 12.05 -13.31
N LYS A 5 -1.56 10.92 -13.13
CA LYS A 5 -2.21 9.63 -13.09
C LYS A 5 -2.14 9.14 -11.65
N ILE A 6 -3.29 8.80 -11.06
CA ILE A 6 -3.32 8.17 -9.75
C ILE A 6 -3.56 6.66 -9.86
N GLN A 7 -2.59 5.86 -9.37
CA GLN A 7 -2.74 4.41 -9.27
C GLN A 7 -3.55 3.98 -8.02
N PHE A 8 -4.26 2.86 -8.14
CA PHE A 8 -5.04 2.26 -7.04
C PHE A 8 -4.48 0.90 -6.63
N PHE A 9 -4.30 0.74 -5.32
CA PHE A 9 -3.71 -0.44 -4.68
C PHE A 9 -4.77 -0.99 -3.73
N ASP A 10 -5.32 -2.15 -4.06
CA ASP A 10 -6.36 -2.73 -3.20
C ASP A 10 -5.84 -3.84 -2.28
N THR A 11 -6.22 -3.79 -1.01
CA THR A 11 -5.84 -4.79 -0.02
C THR A 11 -7.08 -5.46 0.57
N THR A 12 -8.13 -5.58 -0.23
CA THR A 12 -9.34 -6.26 0.22
C THR A 12 -9.03 -7.73 0.58
N LEU A 13 -8.25 -8.41 -0.26
CA LEU A 13 -8.01 -9.83 -0.05
C LEU A 13 -7.14 -10.09 1.14
N ARG A 14 -6.55 -9.04 1.69
CA ARG A 14 -5.69 -9.13 2.86
C ARG A 14 -6.44 -8.86 4.16
N ASP A 15 -7.13 -7.72 4.21
CA ASP A 15 -8.06 -7.36 5.31
C ASP A 15 -9.45 -8.01 5.19
N GLY A 16 -9.41 -9.30 4.86
CA GLY A 16 -10.52 -10.21 5.15
C GLY A 16 -10.30 -10.63 6.59
N GLU A 17 -10.09 -9.63 7.45
CA GLU A 17 -9.86 -9.86 8.88
C GLU A 17 -10.58 -8.81 9.75
N ASN A 23 -12.99 -13.93 6.41
CA ASN A 23 -13.79 -15.10 6.07
C ASN A 23 -13.63 -15.70 4.66
N PHE A 24 -13.04 -14.97 3.71
CA PHE A 24 -13.04 -15.37 2.28
C PHE A 24 -12.40 -16.73 1.94
N ASP A 25 -13.16 -17.65 1.34
CA ASP A 25 -12.57 -18.92 0.88
C ASP A 25 -11.82 -18.76 -0.46
N VAL A 26 -11.21 -19.84 -0.94
CA VAL A 26 -10.30 -19.75 -2.09
C VAL A 26 -10.98 -19.24 -3.33
N LYS A 27 -12.02 -19.92 -3.77
CA LYS A 27 -12.66 -19.51 -5.00
C LYS A 27 -13.24 -18.09 -4.86
N GLU A 28 -13.60 -17.71 -3.64
CA GLU A 28 -14.11 -16.38 -3.39
C GLU A 28 -13.02 -15.31 -3.52
N LYS A 29 -11.82 -15.61 -3.02
CA LYS A 29 -10.69 -14.71 -3.24
C LYS A 29 -10.40 -14.55 -4.72
N ILE A 30 -10.43 -15.65 -5.45
CA ILE A 30 -10.12 -15.56 -6.88
C ILE A 30 -11.15 -14.74 -7.62
N GLN A 31 -12.39 -14.90 -7.22
CA GLN A 31 -13.51 -14.19 -7.79
C GLN A 31 -13.38 -12.67 -7.57
N ILE A 32 -13.18 -12.28 -6.31
CA ILE A 32 -12.88 -10.89 -5.97
C ILE A 32 -11.70 -10.39 -6.78
N ALA A 33 -10.61 -11.13 -6.78
CA ALA A 33 -9.44 -10.65 -7.49
C ALA A 33 -9.79 -10.30 -8.94
N LEU A 34 -10.57 -11.15 -9.59
CA LEU A 34 -10.87 -10.93 -11.01
C LEU A 34 -11.82 -9.74 -11.17
N GLN A 35 -12.68 -9.51 -10.19
CA GLN A 35 -13.55 -8.32 -10.24
C GLN A 35 -12.69 -7.07 -10.06
N LEU A 36 -11.77 -7.11 -9.10
CA LEU A 36 -10.81 -6.01 -8.90
C LEU A 36 -10.10 -5.67 -10.20
N GLU A 37 -9.62 -6.70 -10.88
CA GLU A 37 -8.87 -6.52 -12.11
C GLU A 37 -9.77 -5.88 -13.17
N LYS A 38 -11.01 -6.36 -13.25
CA LYS A 38 -12.02 -5.80 -14.13
C LYS A 38 -12.25 -4.31 -13.82
N LEU A 39 -12.23 -3.98 -12.53
CA LEU A 39 -12.47 -2.62 -12.10
C LEU A 39 -11.37 -1.67 -12.52
N GLY A 40 -10.19 -2.22 -12.83
CA GLY A 40 -9.08 -1.39 -13.30
C GLY A 40 -8.09 -1.04 -12.19
N ILE A 41 -8.27 -1.68 -11.03
CA ILE A 41 -7.29 -1.60 -9.94
C ILE A 41 -5.90 -1.86 -10.51
N ASP A 42 -4.89 -1.09 -10.06
CA ASP A 42 -3.57 -1.22 -10.65
C ASP A 42 -2.76 -2.32 -9.98
N VAL A 43 -2.83 -2.38 -8.65
CA VAL A 43 -2.14 -3.39 -7.87
C VAL A 43 -3.11 -4.05 -6.90
N ILE A 44 -3.11 -5.39 -6.94
CA ILE A 44 -3.87 -6.20 -6.00
C ILE A 44 -2.90 -6.83 -5.00
N GLU A 45 -3.06 -6.50 -3.72
CA GLU A 45 -2.28 -7.18 -2.70
C GLU A 45 -3.03 -8.44 -2.40
N ALA A 46 -2.46 -9.58 -2.79
CA ALA A 46 -3.13 -10.87 -2.67
C ALA A 46 -3.04 -11.52 -1.29
N GLY A 47 -2.03 -11.19 -0.50
CA GLY A 47 -1.86 -11.90 0.79
C GLY A 47 -0.53 -11.60 1.44
N PHE A 48 -0.21 -12.42 2.46
CA PHE A 48 1.01 -12.31 3.26
C PHE A 48 1.60 -13.73 3.32
N PRO A 49 2.32 -14.13 2.27
CA PRO A 49 2.63 -15.56 2.04
C PRO A 49 3.27 -16.31 3.22
N ILE A 50 4.22 -15.69 3.92
CA ILE A 50 4.88 -16.34 5.04
C ILE A 50 3.94 -16.62 6.16
N SER A 51 2.80 -15.93 6.21
CA SER A 51 2.00 -16.01 7.44
C SER A 51 1.42 -17.40 7.73
N SER A 52 1.02 -18.11 6.67
CA SER A 52 0.52 -19.48 6.78
C SER A 52 0.67 -20.16 5.44
N PRO A 53 0.67 -21.51 5.40
CA PRO A 53 0.69 -22.21 4.09
C PRO A 53 -0.54 -21.89 3.25
N GLY A 54 -1.68 -21.72 3.90
CA GLY A 54 -2.92 -21.30 3.21
C GLY A 54 -2.77 -19.99 2.42
N ASP A 55 -2.11 -19.01 3.03
CA ASP A 55 -1.86 -17.71 2.40
C ASP A 55 -0.98 -17.88 1.22
N PHE A 56 0.07 -18.67 1.44
CA PHE A 56 0.99 -18.97 0.39
C PHE A 56 0.22 -19.50 -0.82
N GLU A 57 -0.53 -20.60 -0.64
CA GLU A 57 -1.30 -21.16 -1.77
C GLU A 57 -2.33 -20.19 -2.37
N CYS A 58 -3.01 -19.43 -1.51
CA CYS A 58 -3.90 -18.40 -2.01
C CYS A 58 -3.19 -17.34 -2.88
N VAL A 59 -2.02 -16.86 -2.43
CA VAL A 59 -1.27 -15.85 -3.23
C VAL A 59 -0.87 -16.44 -4.59
N LYS A 60 -0.39 -17.68 -4.58
CA LYS A 60 -0.09 -18.38 -5.81
C LYS A 60 -1.30 -18.42 -6.73
N ALA A 61 -2.43 -18.83 -6.16
CA ALA A 61 -3.68 -18.94 -6.89
C ALA A 61 -4.04 -17.62 -7.55
N ILE A 62 -4.01 -16.52 -6.79
CA ILE A 62 -4.40 -15.24 -7.41
C ILE A 62 -3.38 -14.80 -8.47
N ALA A 63 -2.09 -14.97 -8.16
CA ALA A 63 -1.03 -14.69 -9.10
C ALA A 63 -1.24 -15.43 -10.43
N LYS A 64 -1.75 -16.67 -10.37
CA LYS A 64 -2.03 -17.42 -11.61
C LYS A 64 -3.26 -16.90 -12.36
N ALA A 65 -4.31 -16.54 -11.62
CA ALA A 65 -5.54 -16.06 -12.27
C ALA A 65 -5.41 -14.69 -12.95
N ILE A 66 -4.59 -13.79 -12.38
CA ILE A 66 -4.52 -12.40 -12.86
C ILE A 66 -3.63 -12.26 -14.11
N LYS A 67 -4.16 -11.60 -15.14
CA LYS A 67 -3.37 -11.35 -16.35
C LYS A 67 -3.20 -9.89 -16.73
N HIS A 68 -3.93 -8.97 -16.10
CA HIS A 68 -3.91 -7.58 -16.60
C HIS A 68 -3.52 -6.50 -15.60
N CYS A 69 -3.28 -6.87 -14.35
CA CYS A 69 -2.68 -5.92 -13.43
C CYS A 69 -1.54 -6.58 -12.67
N SER A 70 -1.03 -5.84 -11.67
CA SER A 70 0.02 -6.32 -10.80
C SER A 70 -0.53 -7.00 -9.58
N VAL A 71 0.17 -8.03 -9.14
CA VAL A 71 -0.17 -8.71 -7.90
C VAL A 71 1.03 -8.58 -6.99
N THR A 72 0.75 -8.30 -5.72
CA THR A 72 1.80 -8.12 -4.72
C THR A 72 1.53 -8.96 -3.46
N GLY A 73 2.57 -9.24 -2.69
CA GLY A 73 2.39 -9.80 -1.36
C GLY A 73 3.23 -9.12 -0.30
N LEU A 74 2.78 -9.22 0.95
CA LEU A 74 3.47 -8.67 2.07
C LEU A 74 4.67 -9.49 2.52
N ALA A 75 5.71 -8.79 2.98
CA ALA A 75 6.85 -9.42 3.67
C ALA A 75 7.36 -8.48 4.74
N ARG A 76 7.75 -9.04 5.87
CA ARG A 76 8.52 -8.28 6.86
C ARG A 76 9.95 -8.07 6.35
N CYS A 77 10.74 -7.29 7.07
CA CYS A 77 12.18 -7.23 6.78
C CYS A 77 12.87 -8.48 7.39
N VAL A 78 12.56 -9.62 6.78
CA VAL A 78 13.10 -10.91 7.16
C VAL A 78 13.30 -11.63 5.84
N GLU A 79 14.50 -12.18 5.60
CA GLU A 79 14.82 -12.77 4.28
C GLU A 79 13.87 -13.90 3.94
N GLY A 80 13.50 -14.69 4.95
CA GLY A 80 12.53 -15.78 4.75
C GLY A 80 11.18 -15.37 4.18
N ASP A 81 10.62 -14.26 4.67
CA ASP A 81 9.34 -13.74 4.15
C ASP A 81 9.47 -13.38 2.69
N ILE A 82 10.61 -12.77 2.35
CA ILE A 82 10.84 -12.28 0.99
C ILE A 82 11.04 -13.48 0.07
N ASP A 83 11.80 -14.46 0.56
CA ASP A 83 11.96 -15.71 -0.19
C ASP A 83 10.60 -16.35 -0.45
N ARG A 84 9.81 -16.44 0.60
CA ARG A 84 8.48 -17.04 0.46
C ARG A 84 7.58 -16.24 -0.47
N ALA A 85 7.67 -14.92 -0.41
CA ALA A 85 6.85 -14.09 -1.31
C ALA A 85 7.32 -14.28 -2.74
N GLU A 86 8.64 -14.36 -2.95
CA GLU A 86 9.16 -14.55 -4.30
C GLU A 86 8.65 -15.88 -4.86
N GLU A 87 8.72 -16.93 -4.04
CA GLU A 87 8.11 -18.22 -4.39
C GLU A 87 6.62 -18.10 -4.70
N ALA A 88 5.88 -17.43 -3.83
CA ALA A 88 4.43 -17.29 -4.05
C ALA A 88 4.04 -16.59 -5.37
N LEU A 89 4.85 -15.61 -5.78
CA LEU A 89 4.48 -14.73 -6.87
C LEU A 89 5.18 -15.07 -8.18
N LYS A 90 5.98 -16.15 -8.17
CA LYS A 90 6.77 -16.50 -9.34
C LYS A 90 6.00 -16.52 -10.66
N ASP A 91 4.72 -16.87 -10.65
CA ASP A 91 3.98 -16.92 -11.93
C ASP A 91 3.15 -15.67 -12.20
N ALA A 92 3.33 -14.63 -11.39
CA ALA A 92 2.56 -13.40 -11.58
C ALA A 92 2.95 -12.75 -12.91
N VAL A 93 1.98 -12.24 -13.64
CA VAL A 93 2.32 -11.50 -14.85
C VAL A 93 3.12 -10.24 -14.50
N SER A 94 2.71 -9.49 -13.47
CA SER A 94 3.49 -8.31 -13.04
C SER A 94 3.58 -8.29 -11.55
N PRO A 95 4.47 -9.10 -11.00
CA PRO A 95 4.61 -9.23 -9.56
C PRO A 95 5.21 -7.96 -8.91
N GLN A 96 4.88 -7.71 -7.64
CA GLN A 96 5.67 -6.80 -6.82
C GLN A 96 5.71 -7.40 -5.44
N ILE A 97 6.50 -6.77 -4.57
CA ILE A 97 6.51 -7.17 -3.17
C ILE A 97 6.33 -5.94 -2.29
N HIS A 98 5.70 -6.13 -1.14
CA HIS A 98 5.43 -5.03 -0.26
C HIS A 98 6.14 -5.34 1.03
N ILE A 99 7.16 -4.58 1.36
CA ILE A 99 7.90 -4.81 2.60
C ILE A 99 7.65 -3.71 3.62
N PHE A 100 7.66 -4.02 4.91
CA PHE A 100 7.41 -2.94 5.88
C PHE A 100 8.26 -3.11 7.11
N LEU A 101 8.44 -2.00 7.82
CA LEU A 101 9.09 -2.00 9.11
C LEU A 101 8.70 -0.72 9.82
N ALA A 102 8.33 -0.83 11.09
CA ALA A 102 7.91 0.31 11.89
C ALA A 102 9.05 1.25 12.09
N THR A 103 8.75 2.56 12.09
CA THR A 103 9.75 3.57 12.32
C THR A 103 9.47 4.52 13.51
N SER A 104 8.46 4.23 14.33
CA SER A 104 8.13 5.14 15.47
C SER A 104 8.91 4.75 16.71
N ASP A 105 9.15 5.69 17.62
CA ASP A 105 9.90 5.35 18.82
C ASP A 105 9.28 4.24 19.63
N VAL A 106 7.96 4.28 19.82
CA VAL A 106 7.29 3.24 20.60
C VAL A 106 7.45 1.84 20.03
N HIS A 107 7.23 1.70 18.73
CA HIS A 107 7.40 0.43 18.08
C HIS A 107 8.85 -0.06 18.12
N MSE A 108 9.80 0.83 17.90
CA MSE A 108 11.19 0.39 17.86
C MSE A 108 11.61 -0.08 19.25
O MSE A 108 12.31 -1.08 19.41
CB MSE A 108 12.10 1.52 17.37
CG MSE A 108 11.83 1.96 15.93
SE MSE A 108 13.21 3.23 15.31
CE MSE A 108 12.64 4.95 15.98
N GLU A 109 11.15 0.64 20.28
CA GLU A 109 11.51 0.28 21.65
C GLU A 109 10.80 -0.96 22.15
N TYR A 110 9.48 -0.98 22.07
CA TYR A 110 8.69 -2.07 22.65
C TYR A 110 8.44 -3.26 21.72
N LYS A 111 8.34 -3.04 20.42
CA LYS A 111 8.05 -4.11 19.49
C LYS A 111 9.27 -4.71 18.84
N LEU A 112 10.00 -3.93 18.09
CA LEU A 112 11.17 -4.42 17.39
C LEU A 112 12.35 -4.62 18.33
N LYS A 113 12.40 -3.82 19.39
CA LYS A 113 13.57 -3.79 20.26
C LYS A 113 14.85 -3.52 19.43
N MSE A 114 14.83 -2.39 18.73
CA MSE A 114 15.89 -2.05 17.80
C MSE A 114 16.07 -0.55 17.84
O MSE A 114 15.10 0.19 18.04
CB MSE A 114 15.52 -2.48 16.38
CG MSE A 114 15.43 -3.97 16.15
SE MSE A 114 14.84 -4.32 14.29
CE MSE A 114 16.31 -3.49 13.30
N SER A 115 17.31 -0.10 17.64
CA SER A 115 17.62 1.32 17.61
C SER A 115 17.40 1.85 16.22
N ARG A 116 17.44 3.17 16.10
CA ARG A 116 17.30 3.82 14.79
C ARG A 116 18.34 3.30 13.80
N ALA A 117 19.56 3.12 14.25
CA ALA A 117 20.64 2.73 13.34
C ALA A 117 20.35 1.35 12.84
N GLU A 118 19.92 0.48 13.75
CA GLU A 118 19.52 -0.90 13.41
C GLU A 118 18.34 -0.95 12.46
N VAL A 119 17.29 -0.17 12.74
CA VAL A 119 16.20 -0.04 11.78
C VAL A 119 16.67 0.37 10.37
N LEU A 120 17.44 1.45 10.23
CA LEU A 120 17.91 1.84 8.90
C LEU A 120 18.73 0.73 8.26
N ALA A 121 19.52 0.03 9.06
CA ALA A 121 20.36 -1.03 8.51
C ALA A 121 19.50 -2.22 8.08
N SER A 122 18.43 -2.51 8.81
CA SER A 122 17.54 -3.57 8.37
C SER A 122 16.84 -3.20 7.07
N ILE A 123 16.41 -1.94 6.96
CA ILE A 123 15.72 -1.50 5.81
C ILE A 123 16.62 -1.60 4.58
N LYS A 124 17.83 -1.03 4.68
CA LYS A 124 18.78 -1.13 3.58
C LYS A 124 19.02 -2.59 3.12
N HIS A 125 19.25 -3.47 4.07
CA HIS A 125 19.56 -4.87 3.74
C HIS A 125 18.40 -5.56 3.08
N HIS A 126 17.22 -5.43 3.68
CA HIS A 126 16.10 -6.21 3.17
C HIS A 126 15.47 -5.63 1.93
N ILE A 127 15.45 -4.31 1.79
CA ILE A 127 15.03 -3.73 0.52
C ILE A 127 16.00 -4.14 -0.60
N SER A 128 17.31 -4.04 -0.38
CA SER A 128 18.31 -4.51 -1.41
C SER A 128 18.14 -5.99 -1.73
N TYR A 129 18.03 -6.79 -0.68
CA TYR A 129 17.73 -8.21 -0.82
C TYR A 129 16.54 -8.46 -1.71
N ALA A 130 15.44 -7.76 -1.45
CA ALA A 130 14.20 -7.94 -2.25
C ALA A 130 14.41 -7.45 -3.68
N ARG A 131 15.16 -6.36 -3.80
CA ARG A 131 15.34 -5.74 -5.09
C ARG A 131 16.08 -6.68 -6.06
N GLN A 132 16.86 -7.59 -5.53
CA GLN A 132 17.50 -8.59 -6.37
C GLN A 132 16.49 -9.55 -6.98
N LYS A 133 15.30 -9.65 -6.40
CA LYS A 133 14.32 -10.63 -6.80
C LYS A 133 13.12 -10.01 -7.46
N PHE A 134 12.83 -8.74 -7.12
CA PHE A 134 11.67 -8.06 -7.67
C PHE A 134 12.14 -6.76 -8.29
N ASP A 135 11.68 -6.45 -9.49
CA ASP A 135 11.98 -5.11 -10.01
C ASP A 135 11.28 -4.02 -9.19
N VAL A 136 10.04 -4.29 -8.77
CA VAL A 136 9.25 -3.32 -8.05
C VAL A 136 9.12 -3.69 -6.58
N VAL A 137 9.72 -2.87 -5.72
CA VAL A 137 9.69 -3.06 -4.28
C VAL A 137 8.98 -1.85 -3.72
N GLN A 138 7.84 -2.08 -3.10
CA GLN A 138 7.18 -1.07 -2.30
C GLN A 138 7.68 -1.12 -0.86
N PHE A 139 7.93 0.02 -0.23
CA PHE A 139 8.27 -0.02 1.21
C PHE A 139 7.32 0.84 2.06
N SER A 140 6.84 0.31 3.19
CA SER A 140 5.98 1.08 4.10
C SER A 140 6.67 1.26 5.45
N PRO A 141 6.94 2.51 5.86
CA PRO A 141 7.33 2.74 7.25
C PRO A 141 6.10 2.69 8.18
N GLU A 142 5.92 1.54 8.82
CA GLU A 142 4.76 1.28 9.65
C GLU A 142 4.72 2.31 10.79
N ASP A 143 3.53 2.88 11.04
CA ASP A 143 3.35 3.85 12.12
C ASP A 143 4.06 5.14 11.75
N ALA A 144 4.13 5.43 10.46
CA ALA A 144 4.78 6.64 10.00
C ALA A 144 4.28 7.92 10.68
N THR A 145 2.95 8.02 10.86
CA THR A 145 2.33 9.26 11.31
C THR A 145 2.61 9.51 12.77
N ARG A 146 3.07 8.50 13.50
CA ARG A 146 3.56 8.77 14.87
C ARG A 146 5.07 8.68 14.97
N SER A 147 5.76 8.72 13.82
CA SER A 147 7.21 8.65 13.85
C SER A 147 7.84 10.03 14.01
N ASP A 148 9.01 10.09 14.61
CA ASP A 148 9.76 11.32 14.60
C ASP A 148 9.91 11.67 13.14
N ARG A 149 9.64 12.92 12.78
CA ARG A 149 9.59 13.26 11.36
C ARG A 149 10.96 13.16 10.62
N ALA A 150 12.03 13.58 11.28
CA ALA A 150 13.37 13.53 10.72
C ALA A 150 13.71 12.07 10.47
N PHE A 151 13.50 11.26 11.48
CA PHE A 151 13.77 9.86 11.28
C PHE A 151 12.91 9.16 10.21
N LEU A 152 11.67 9.61 10.03
CA LEU A 152 10.76 9.01 9.06
C LEU A 152 11.40 9.27 7.71
N ILE A 153 11.89 10.50 7.57
CA ILE A 153 12.59 10.91 6.35
C ILE A 153 13.83 10.04 6.12
N GLU A 154 14.58 9.73 7.18
CA GLU A 154 15.77 8.83 7.08
C GLU A 154 15.40 7.43 6.56
N ALA A 155 14.39 6.82 7.20
CA ALA A 155 13.90 5.48 6.83
C ALA A 155 13.43 5.45 5.38
N VAL A 156 12.72 6.49 4.94
CA VAL A 156 12.22 6.56 3.56
C VAL A 156 13.37 6.76 2.57
N GLN A 157 14.34 7.62 2.90
CA GLN A 157 15.53 7.81 2.06
C GLN A 157 16.33 6.51 1.91
N THR A 158 16.55 5.84 3.03
CA THR A 158 17.15 4.53 3.05
C THR A 158 16.47 3.51 2.11
N ALA A 159 15.14 3.41 2.18
CA ALA A 159 14.45 2.48 1.27
C ALA A 159 14.64 2.86 -0.18
N ILE A 160 14.56 4.15 -0.48
CA ILE A 160 14.77 4.59 -1.85
C ILE A 160 16.19 4.25 -2.36
N ASP A 161 17.19 4.59 -1.54
CA ASP A 161 18.58 4.38 -1.91
C ASP A 161 18.76 2.93 -2.23
N ALA A 162 18.06 2.07 -1.48
CA ALA A 162 18.23 0.62 -1.59
C ALA A 162 17.43 -0.04 -2.71
N GLY A 163 16.68 0.74 -3.46
CA GLY A 163 15.93 0.17 -4.58
C GLY A 163 14.41 0.19 -4.51
N ALA A 164 13.84 0.66 -3.41
CA ALA A 164 12.38 0.80 -3.35
C ALA A 164 11.92 1.90 -4.31
N THR A 165 11.04 1.58 -5.25
CA THR A 165 10.51 2.57 -6.16
C THR A 165 9.07 3.01 -5.84
N VAL A 166 8.46 2.45 -4.77
CA VAL A 166 7.14 2.88 -4.28
C VAL A 166 7.29 3.03 -2.75
N ILE A 167 6.89 4.15 -2.18
CA ILE A 167 6.96 4.35 -0.73
C ILE A 167 5.54 4.57 -0.32
N ASN A 168 5.06 3.77 0.61
CA ASN A 168 3.71 3.89 1.09
C ASN A 168 3.68 4.40 2.53
N ILE A 169 2.97 5.50 2.73
CA ILE A 169 2.93 6.11 4.06
C ILE A 169 1.59 5.73 4.72
N PRO A 170 1.64 4.88 5.76
CA PRO A 170 0.39 4.50 6.44
C PRO A 170 0.11 5.37 7.66
N ASP A 171 -1.18 5.67 7.88
CA ASP A 171 -1.63 6.29 9.15
C ASP A 171 -2.12 5.09 9.98
N THR A 172 -1.17 4.32 10.47
CA THR A 172 -1.43 3.01 11.03
C THR A 172 -2.41 3.20 12.18
N VAL A 173 -2.19 4.24 12.98
CA VAL A 173 -3.08 4.44 14.14
C VAL A 173 -4.45 5.04 13.77
N GLY A 174 -4.55 5.79 12.67
CA GLY A 174 -5.83 6.29 12.19
C GLY A 174 -6.29 7.64 12.70
N TYR A 175 -5.41 8.34 13.40
CA TYR A 175 -5.79 9.60 14.00
C TYR A 175 -5.23 10.85 13.35
N THR A 176 -4.72 10.76 12.13
CA THR A 176 -4.22 11.95 11.52
C THR A 176 -5.36 12.71 10.84
N ASN A 177 -5.07 13.91 10.35
CA ASN A 177 -6.04 14.69 9.56
C ASN A 177 -5.37 15.28 8.33
N PRO A 178 -6.16 15.88 7.43
CA PRO A 178 -5.62 16.36 6.17
C PRO A 178 -4.51 17.39 6.34
N THR A 179 -4.57 18.21 7.38
CA THR A 179 -3.56 19.24 7.58
C THR A 179 -2.22 18.59 7.92
N GLU A 180 -2.29 17.68 8.87
CA GLU A 180 -1.14 17.02 9.44
C GLU A 180 -0.53 16.07 8.42
N PHE A 181 -1.36 15.34 7.69
CA PHE A 181 -0.89 14.41 6.67
C PHE A 181 -0.34 15.15 5.44
N GLY A 182 -1.01 16.20 5.00
CA GLY A 182 -0.49 16.92 3.84
C GLY A 182 0.90 17.47 4.15
N GLN A 183 1.05 17.99 5.36
CA GLN A 183 2.34 18.48 5.79
C GLN A 183 3.40 17.37 5.76
N LEU A 184 3.01 16.15 6.16
CA LEU A 184 3.96 15.04 6.16
C LEU A 184 4.49 14.89 4.72
N PHE A 185 3.59 14.89 3.75
CA PHE A 185 4.01 14.79 2.36
C PHE A 185 4.86 15.97 1.86
N GLN A 186 4.50 17.18 2.31
N GLN A 186 4.54 17.20 2.29
CA GLN A 186 5.29 18.37 1.99
CA GLN A 186 5.37 18.31 1.85
C GLN A 186 6.73 18.16 2.47
C GLN A 186 6.77 18.18 2.45
N ASP A 187 6.87 17.69 3.69
CA ASP A 187 8.18 17.44 4.27
C ASP A 187 9.01 16.41 3.47
N LEU A 188 8.34 15.36 2.98
CA LEU A 188 9.03 14.37 2.18
C LEU A 188 9.52 15.01 0.90
N ARG A 189 8.67 15.81 0.30
CA ARG A 189 8.96 16.44 -0.96
C ARG A 189 10.18 17.35 -0.82
N ARG A 190 10.21 18.12 0.27
CA ARG A 190 11.29 19.05 0.52
C ARG A 190 12.61 18.36 0.83
N GLU A 191 12.56 17.23 1.52
CA GLU A 191 13.79 16.60 2.03
C GLU A 191 14.32 15.43 1.19
N ILE A 192 13.48 14.87 0.33
CA ILE A 192 13.89 13.72 -0.47
C ILE A 192 14.13 14.16 -1.91
N LYS A 193 15.40 14.24 -2.27
CA LYS A 193 15.78 14.74 -3.57
C LYS A 193 15.15 13.91 -4.68
N GLN A 194 15.04 12.60 -4.47
CA GLN A 194 14.44 11.72 -5.48
C GLN A 194 12.90 11.72 -5.54
N PHE A 195 12.25 12.56 -4.74
CA PHE A 195 10.77 12.49 -4.60
C PHE A 195 10.04 12.37 -5.92
N ASP A 196 10.41 13.18 -6.90
CA ASP A 196 9.63 13.17 -8.15
C ASP A 196 9.87 11.95 -9.04
N ASP A 197 10.87 11.16 -8.69
CA ASP A 197 11.16 9.95 -9.43
C ASP A 197 10.60 8.69 -8.74
N ILE A 198 9.95 8.89 -7.58
CA ILE A 198 9.51 7.77 -6.75
C ILE A 198 7.98 7.81 -6.59
N ILE A 199 7.32 6.66 -6.71
CA ILE A 199 5.89 6.65 -6.49
C ILE A 199 5.54 6.75 -5.00
N PHE A 200 4.82 7.78 -4.56
CA PHE A 200 4.41 7.84 -3.14
C PHE A 200 2.92 7.51 -2.99
N ALA A 201 2.58 6.69 -2.01
CA ALA A 201 1.19 6.25 -1.83
C ALA A 201 0.76 6.58 -0.40
N SER A 202 -0.53 6.47 -0.09
CA SER A 202 -0.95 6.53 1.33
C SER A 202 -1.77 5.31 1.64
N HIS A 203 -1.82 4.96 2.92
CA HIS A 203 -2.71 3.93 3.37
C HIS A 203 -3.33 4.45 4.66
N CYS A 204 -4.53 5.02 4.56
CA CYS A 204 -5.14 5.69 5.67
C CYS A 204 -6.15 4.77 6.36
N HIS A 205 -6.42 5.03 7.63
CA HIS A 205 -7.42 4.28 8.34
C HIS A 205 -8.54 5.20 8.75
N ASP A 206 -9.73 4.65 8.95
CA ASP A 206 -10.91 5.48 9.09
C ASP A 206 -11.39 5.58 10.52
N ASP A 207 -10.48 5.40 11.47
CA ASP A 207 -10.84 5.57 12.88
C ASP A 207 -11.58 6.85 13.20
N LEU A 208 -11.23 7.94 12.52
CA LEU A 208 -11.87 9.22 12.84
C LEU A 208 -12.83 9.66 11.76
N GLY A 209 -13.04 8.82 10.75
CA GLY A 209 -13.92 9.16 9.63
C GLY A 209 -13.27 10.08 8.61
N MSE A 210 -11.94 10.03 8.52
CA MSE A 210 -11.19 10.95 7.66
C MSE A 210 -10.27 10.26 6.64
O MSE A 210 -9.44 10.94 6.04
CB MSE A 210 -10.41 11.94 8.52
CG MSE A 210 -11.36 13.02 9.15
SE MSE A 210 -10.44 14.54 9.83
CE MSE A 210 -10.10 13.93 11.69
N ALA A 211 -10.40 8.96 6.47
CA ALA A 211 -9.47 8.21 5.61
C ALA A 211 -9.53 8.72 4.17
N THR A 212 -10.73 8.95 3.66
CA THR A 212 -10.89 9.50 2.30
C THR A 212 -10.24 10.91 2.15
N ALA A 213 -10.54 11.81 3.08
CA ALA A 213 -9.99 13.16 3.05
C ALA A 213 -8.46 13.07 3.18
N ASN A 214 -7.99 12.14 4.00
CA ASN A 214 -6.55 11.97 4.22
C ASN A 214 -5.84 11.48 2.93
N ALA A 215 -6.42 10.50 2.24
CA ALA A 215 -5.84 10.01 0.98
C ALA A 215 -5.78 11.13 -0.06
N LEU A 216 -6.82 11.95 -0.12
CA LEU A 216 -6.89 13.05 -1.08
C LEU A 216 -5.93 14.16 -0.67
N ALA A 217 -5.77 14.43 0.64
CA ALA A 217 -4.78 15.40 1.06
C ALA A 217 -3.36 14.94 0.67
N ALA A 218 -3.12 13.62 0.68
CA ALA A 218 -1.79 13.13 0.32
C ALA A 218 -1.61 13.34 -1.22
N ILE A 219 -2.66 13.08 -1.97
CA ILE A 219 -2.61 13.35 -3.43
C ILE A 219 -2.41 14.86 -3.74
N GLU A 220 -3.13 15.76 -3.07
CA GLU A 220 -2.88 17.21 -3.28
C GLU A 220 -1.42 17.53 -3.03
N ASN A 221 -0.76 16.69 -2.23
CA ASN A 221 0.58 17.00 -1.81
C ASN A 221 1.67 16.11 -2.38
N GLY A 222 1.44 15.50 -3.54
CA GLY A 222 2.49 14.73 -4.14
C GLY A 222 2.22 13.23 -4.33
N ALA A 223 1.33 12.62 -3.53
CA ALA A 223 1.09 11.19 -3.64
C ALA A 223 0.51 10.90 -5.00
N ARG A 224 0.98 9.83 -5.64
CA ARG A 224 0.42 9.48 -6.95
C ARG A 224 -0.23 8.10 -6.91
N ARG A 225 -0.54 7.63 -5.71
CA ARG A 225 -1.10 6.29 -5.52
C ARG A 225 -1.90 6.26 -4.22
N VAL A 226 -2.93 5.44 -4.17
CA VAL A 226 -3.75 5.38 -2.97
C VAL A 226 -3.97 3.92 -2.64
N GLU A 227 -3.78 3.55 -1.39
CA GLU A 227 -4.05 2.16 -1.04
C GLU A 227 -5.24 2.10 -0.11
N GLY A 228 -6.06 1.06 -0.26
CA GLY A 228 -7.29 0.98 0.48
C GLY A 228 -8.05 -0.26 0.11
N THR A 229 -9.35 -0.26 0.36
CA THR A 229 -10.15 -1.43 0.05
C THR A 229 -11.45 -1.02 -0.60
N ILE A 230 -12.09 -1.99 -1.23
CA ILE A 230 -13.47 -1.84 -1.72
C ILE A 230 -14.41 -1.70 -0.53
N ASN A 231 -15.06 -0.54 -0.40
CA ASN A 231 -15.99 -0.38 0.71
C ASN A 231 -15.32 0.23 1.94
N GLY A 232 -13.98 0.25 1.96
CA GLY A 232 -13.29 0.68 3.16
C GLY A 232 -13.38 -0.29 4.33
N ILE A 233 -13.63 -1.57 4.04
CA ILE A 233 -13.68 -2.53 5.12
C ILE A 233 -12.27 -2.89 5.55
N GLY A 234 -12.15 -3.36 6.79
CA GLY A 234 -10.93 -4.01 7.26
C GLY A 234 -10.53 -3.45 8.60
N GLU A 235 -9.52 -4.02 9.23
CA GLU A 235 -8.85 -3.43 10.41
C GLU A 235 -9.82 -3.15 11.52
N ARG A 236 -9.57 -2.17 12.36
CA ARG A 236 -10.48 -1.87 13.46
C ARG A 236 -11.63 -1.15 12.86
N ALA A 237 -11.34 0.10 12.53
CA ALA A 237 -12.37 1.02 12.14
C ALA A 237 -12.38 1.27 10.63
N GLY A 238 -11.77 0.38 9.84
CA GLY A 238 -11.82 0.48 8.37
C GLY A 238 -10.64 1.18 7.70
N ASN A 239 -10.50 0.94 6.39
CA ASN A 239 -9.46 1.53 5.54
C ASN A 239 -10.06 2.65 4.65
N THR A 240 -9.23 3.29 3.84
CA THR A 240 -9.71 4.16 2.75
C THR A 240 -10.65 3.44 1.77
N ALA A 241 -11.84 4.01 1.56
CA ALA A 241 -12.80 3.49 0.60
C ALA A 241 -12.33 3.93 -0.78
N LEU A 242 -11.75 3.03 -1.54
CA LEU A 242 -11.26 3.42 -2.85
C LEU A 242 -12.32 4.03 -3.76
N GLU A 243 -13.58 3.61 -3.62
CA GLU A 243 -14.66 4.16 -4.45
C GLU A 243 -14.84 5.64 -4.17
N GLU A 244 -14.82 6.03 -2.90
CA GLU A 244 -14.95 7.43 -2.56
C GLU A 244 -13.80 8.28 -3.11
N VAL A 245 -12.59 7.75 -3.06
CA VAL A 245 -11.45 8.48 -3.56
C VAL A 245 -11.57 8.65 -5.09
N ALA A 246 -11.94 7.58 -5.80
CA ALA A 246 -12.06 7.65 -7.29
C ALA A 246 -13.17 8.62 -7.74
N VAL A 247 -14.30 8.58 -7.04
CA VAL A 247 -15.42 9.47 -7.33
C VAL A 247 -15.10 10.96 -7.05
N ALA A 248 -14.40 11.25 -5.94
CA ALA A 248 -13.94 12.62 -5.66
C ALA A 248 -13.01 13.14 -6.74
N LEU A 249 -12.04 12.31 -7.13
CA LEU A 249 -11.14 12.68 -8.21
C LEU A 249 -11.88 12.99 -9.52
N HIS A 250 -12.90 12.20 -9.81
CA HIS A 250 -13.67 12.38 -11.04
C HIS A 250 -14.54 13.63 -10.95
N ILE A 251 -15.34 13.71 -9.91
CA ILE A 251 -16.24 14.84 -9.78
C ILE A 251 -15.51 16.17 -9.62
N ARG A 252 -14.43 16.19 -8.89
CA ARG A 252 -13.63 17.42 -8.79
C ARG A 252 -12.32 17.33 -9.53
N LYS A 253 -12.37 16.86 -10.78
CA LYS A 253 -11.19 16.91 -11.63
C LYS A 253 -10.63 18.32 -11.77
N ASP A 254 -11.51 19.33 -11.64
CA ASP A 254 -11.07 20.74 -11.76
C ASP A 254 -10.05 21.06 -10.68
N PHE A 255 -10.30 20.56 -9.48
CA PHE A 255 -9.43 20.78 -8.33
C PHE A 255 -8.26 19.81 -8.30
N TYR A 256 -8.53 18.51 -8.37
CA TYR A 256 -7.47 17.51 -8.18
C TYR A 256 -6.60 17.36 -9.42
N GLN A 257 -7.19 17.63 -10.59
CA GLN A 257 -6.42 17.58 -11.84
C GLN A 257 -5.74 16.24 -12.02
N ALA A 258 -6.50 15.16 -11.86
CA ALA A 258 -5.89 13.82 -11.89
C ALA A 258 -6.78 12.88 -12.64
N GLU A 259 -6.15 11.87 -13.23
CA GLU A 259 -6.91 10.79 -13.85
C GLU A 259 -6.53 9.49 -13.22
N THR A 260 -7.36 8.47 -13.43
CA THR A 260 -7.10 7.16 -12.86
C THR A 260 -7.37 6.14 -13.96
N ASN A 261 -7.14 4.85 -13.67
CA ASN A 261 -7.43 3.79 -14.62
C ASN A 261 -8.71 3.06 -14.26
N ILE A 262 -9.39 3.55 -13.23
CA ILE A 262 -10.58 2.86 -12.76
C ILE A 262 -11.76 2.96 -13.72
N VAL A 263 -12.46 1.84 -13.86
CA VAL A 263 -13.71 1.79 -14.61
C VAL A 263 -14.83 2.08 -13.62
N LEU A 264 -15.28 3.32 -13.59
CA LEU A 264 -16.23 3.77 -12.57
C LEU A 264 -17.51 2.95 -12.47
N ASN A 265 -18.02 2.54 -13.63
CA ASN A 265 -19.26 1.76 -13.68
C ASN A 265 -19.07 0.32 -13.16
N GLN A 266 -17.84 -0.07 -12.89
CA GLN A 266 -17.59 -1.39 -12.33
C GLN A 266 -17.53 -1.33 -10.81
N PHE A 267 -17.70 -0.13 -10.25
CA PHE A 267 -17.67 0.01 -8.79
C PHE A 267 -18.81 -0.64 -8.01
N LYS A 268 -20.05 -0.57 -8.49
CA LYS A 268 -21.13 -1.27 -7.75
C LYS A 268 -21.09 -2.81 -7.84
N ASN A 269 -20.63 -3.35 -8.97
CA ASN A 269 -20.38 -4.78 -9.08
C ASN A 269 -19.38 -5.19 -8.02
N SER A 270 -18.27 -4.46 -7.99
CA SER A 270 -17.18 -4.73 -7.09
C SER A 270 -17.69 -4.66 -5.67
N SER A 271 -18.46 -3.61 -5.41
CA SER A 271 -19.02 -3.35 -4.09
C SER A 271 -20.03 -4.38 -3.62
N ASP A 272 -20.95 -4.77 -4.51
CA ASP A 272 -21.98 -5.77 -4.14
C ASP A 272 -21.38 -7.15 -3.98
N LEU A 273 -20.42 -7.48 -4.84
CA LEU A 273 -19.65 -8.71 -4.69
C LEU A 273 -19.03 -8.78 -3.30
N ILE A 274 -18.29 -7.74 -2.93
CA ILE A 274 -17.55 -7.76 -1.68
C ILE A 274 -18.50 -7.81 -0.49
N SER A 275 -19.55 -6.99 -0.52
CA SER A 275 -20.58 -7.02 0.52
C SER A 275 -21.24 -8.39 0.61
N ARG A 276 -21.57 -8.96 -0.55
CA ARG A 276 -22.24 -10.26 -0.58
C ARG A 276 -21.50 -11.37 0.19
N LEU A 277 -20.18 -11.23 0.38
CA LEU A 277 -19.32 -12.32 0.90
C LEU A 277 -18.80 -12.16 2.33
#